data_7BDA
#
_entry.id   7BDA
#
_cell.length_a   59.940
_cell.length_b   73.420
_cell.length_c   78.650
_cell.angle_alpha   90.000
_cell.angle_beta   90.000
_cell.angle_gamma   90.000
#
_symmetry.space_group_name_H-M   'P 21 21 21'
#
loop_
_entity.id
_entity.type
_entity.pdbx_description
1 polymer 'Palmitoleoyl-protein carboxylesterase NOTUM'
2 non-polymer 'SULFATE ION'
3 non-polymer 2-acetamido-2-deoxy-beta-D-glucopyranose
4 non-polymer 'DIMETHYL SULFOXIDE'
5 non-polymer '(benzyloxy)acetic acid'
6 water water
#
_entity_poly.entity_id   1
_entity_poly.type   'polypeptide(L)'
_entity_poly.pdbx_seq_one_letter_code
;ETGSAQQLNEDLRLHLLLNTSVTCNDGSPAGYYLKESRGSRRWLLFLEGGWYCFNRENCDSRYDTMRRLMSSRDWPRTRT
GTGILSSQPEENPYWWNANMVFIPYCSSDVWSGASSKSEKNEYAFMGALIIQEVVRELLGRGLSGAKVLLLAGSSAGGTG
VLLNVDRVAEQLEKLGYPAIQVRGLADSGWFLDNKQYRHTDCVDTITCAPTEAIRRGIRYWNGVVPERCRRQFQEGEEWN
CFFGYKVYPTLRSPVFVVQWLFDEAQLTVDNVHLTGQPVQEGLRLYIQNLGRELRHTLKDVPASFAPACLSHEIIIRSHW
TDVQVKGTSLPRALHCWDRSLHDSHKASKTPLKGCPVHLVDSCPWPHCNPSCPTGTKHHHHHH
;
_entity_poly.pdbx_strand_id   A
#
loop_
_chem_comp.id
_chem_comp.type
_chem_comp.name
_chem_comp.formula
DMS non-polymer 'DIMETHYL SULFOXIDE' 'C2 H6 O S'
NAG D-saccharide, beta linking 2-acetamido-2-deoxy-beta-D-glucopyranose 'C8 H15 N O6'
O1J non-polymer '(benzyloxy)acetic acid' 'C9 H10 O3'
SO4 non-polymer 'SULFATE ION' 'O4 S -2'
#
# COMPACT_ATOMS: atom_id res chain seq x y z
N ASP A 11 16.15 -1.04 14.82
CA ASP A 11 14.98 -0.46 15.46
C ASP A 11 14.63 0.92 14.91
N LEU A 12 13.35 1.11 14.65
CA LEU A 12 12.79 2.39 14.25
C LEU A 12 12.11 3.02 15.47
N ARG A 13 12.32 4.32 15.67
CA ARG A 13 11.86 5.01 16.89
C ARG A 13 10.60 5.82 16.61
N LEU A 14 9.67 5.80 17.56
CA LEU A 14 8.39 6.48 17.40
C LEU A 14 8.50 7.99 17.56
N HIS A 15 7.83 8.71 16.66
CA HIS A 15 7.61 10.15 16.79
C HIS A 15 6.12 10.41 16.59
N LEU A 16 5.45 10.95 17.61
CA LEU A 16 4.08 11.40 17.46
C LEU A 16 4.07 12.75 16.75
N LEU A 17 3.06 12.96 15.89
CA LEU A 17 3.03 14.17 15.07
C LEU A 17 3.01 15.42 15.95
N LEU A 18 3.81 16.41 15.55
CA LEU A 18 3.84 17.67 16.29
C LEU A 18 2.55 18.46 16.11
N ASN A 19 1.91 18.34 14.96
CA ASN A 19 0.56 18.90 14.76
C ASN A 19 -0.43 17.90 15.32
N THR A 20 -0.87 18.12 16.57
CA THR A 20 -1.73 17.17 17.26
C THR A 20 -3.17 17.16 16.76
N SER A 21 -3.52 18.02 15.79
CA SER A 21 -4.84 17.99 15.18
CA SER A 21 -4.84 17.99 15.18
C SER A 21 -4.95 16.97 14.05
N VAL A 22 -3.85 16.32 13.70
CA VAL A 22 -3.85 15.24 12.72
C VAL A 22 -3.87 13.95 13.54
N THR A 23 -5.01 13.25 13.56
CA THR A 23 -5.25 12.25 14.59
C THR A 23 -5.63 10.90 13.99
N CYS A 24 -5.44 9.87 14.82
CA CYS A 24 -6.05 8.56 14.65
C CYS A 24 -7.58 8.65 14.87
N ASN A 25 -8.26 7.51 14.69
CA ASN A 25 -9.73 7.50 14.74
C ASN A 25 -10.28 8.12 16.03
N ASP A 26 -9.64 7.84 17.17
CA ASP A 26 -10.18 8.26 18.47
C ASP A 26 -9.68 9.62 18.93
N GLY A 27 -8.96 10.37 18.09
CA GLY A 27 -8.48 11.69 18.44
C GLY A 27 -7.08 11.75 19.04
N SER A 28 -6.47 10.61 19.34
CA SER A 28 -5.07 10.58 19.76
C SER A 28 -4.17 10.93 18.58
N PRO A 29 -2.96 11.44 18.82
CA PRO A 29 -2.11 11.89 17.71
C PRO A 29 -1.66 10.70 16.87
N ALA A 30 -1.58 10.92 15.55
CA ALA A 30 -0.95 9.95 14.67
C ALA A 30 0.57 10.07 14.76
N GLY A 31 1.31 9.29 13.97
CA GLY A 31 2.75 9.28 14.15
C GLY A 31 3.46 8.48 13.08
N TYR A 32 4.77 8.30 13.29
CA TYR A 32 5.64 7.53 12.40
C TYR A 32 6.83 6.98 13.19
N TYR A 33 7.38 5.86 12.71
CA TYR A 33 8.62 5.26 13.24
C TYR A 33 9.75 5.52 12.25
N LEU A 34 10.89 5.99 12.73
CA LEU A 34 11.99 6.45 11.88
C LEU A 34 13.34 5.86 12.31
N LYS A 35 14.11 5.40 11.32
CA LYS A 35 15.53 5.11 11.50
C LYS A 35 16.29 5.83 10.40
N GLU A 36 17.15 6.78 10.79
CA GLU A 36 17.89 7.57 9.81
C GLU A 36 19.16 6.86 9.37
N SER A 37 19.58 7.17 8.14
CA SER A 37 20.82 6.64 7.55
C SER A 37 21.49 7.83 6.88
N ARG A 38 22.37 8.52 7.60
CA ARG A 38 22.85 9.81 7.12
C ARG A 38 23.77 9.71 5.90
N GLY A 39 24.29 8.54 5.59
CA GLY A 39 24.99 8.38 4.33
C GLY A 39 24.14 8.07 3.11
N SER A 40 22.81 8.23 3.18
CA SER A 40 21.93 7.86 2.08
C SER A 40 20.95 8.99 1.76
N ARG A 41 20.70 9.19 0.46
CA ARG A 41 19.69 10.12 -0.01
C ARG A 41 18.41 9.42 -0.45
N ARG A 42 18.24 8.15 -0.07
CA ARG A 42 17.03 7.41 -0.38
C ARG A 42 16.14 7.33 0.87
N TRP A 43 14.83 7.54 0.68
CA TRP A 43 13.85 7.52 1.76
C TRP A 43 12.71 6.58 1.41
N LEU A 44 12.42 5.63 2.30
CA LEU A 44 11.34 4.67 2.13
C LEU A 44 10.28 4.95 3.18
N LEU A 45 9.06 5.29 2.74
CA LEU A 45 7.93 5.55 3.62
C LEU A 45 6.89 4.46 3.39
N PHE A 46 6.66 3.61 4.39
CA PHE A 46 5.83 2.42 4.26
C PHE A 46 4.49 2.59 4.98
N LEU A 47 3.39 2.32 4.25
CA LEU A 47 2.02 2.40 4.78
C LEU A 47 1.53 1.02 5.24
N GLU A 48 1.25 0.88 6.53
CA GLU A 48 0.67 -0.36 7.06
C GLU A 48 -0.74 -0.57 6.54
N GLY A 49 -1.17 -1.85 6.49
CA GLY A 49 -2.52 -2.22 6.12
C GLY A 49 -3.34 -2.71 7.30
N GLY A 50 -4.52 -3.25 6.99
CA GLY A 50 -5.45 -3.78 7.98
C GLY A 50 -6.93 -3.50 7.76
N TRP A 51 -7.43 -3.74 6.55
CA TRP A 51 -8.88 -3.63 6.20
C TRP A 51 -9.35 -2.19 6.46
N TYR A 52 -10.56 -2.00 6.99
CA TYR A 52 -11.20 -0.69 7.17
C TYR A 52 -12.49 -0.91 7.95
N CYS A 53 -13.14 0.20 8.33
CA CYS A 53 -14.50 0.14 8.87
C CYS A 53 -15.36 1.22 8.22
N PHE A 54 -16.67 0.95 8.11
CA PHE A 54 -17.50 1.75 7.21
C PHE A 54 -18.77 2.37 7.81
N ASN A 55 -19.07 2.14 9.10
CA ASN A 55 -20.21 2.77 9.77
C ASN A 55 -19.94 2.76 11.27
N ARG A 56 -20.86 3.36 12.03
CA ARG A 56 -20.63 3.53 13.47
C ARG A 56 -20.48 2.17 14.16
N GLU A 57 -21.41 1.25 13.87
CA GLU A 57 -21.44 -0.03 14.55
C GLU A 57 -20.23 -0.88 14.19
N ASN A 58 -19.86 -0.89 12.92
CA ASN A 58 -18.69 -1.64 12.46
C ASN A 58 -17.39 -1.07 13.03
N CYS A 59 -17.28 0.25 13.13
CA CYS A 59 -16.09 0.86 13.72
C CYS A 59 -16.02 0.64 15.24
N ASP A 60 -17.16 0.64 15.93
CA ASP A 60 -17.18 0.35 17.37
C ASP A 60 -16.65 -1.06 17.66
N SER A 61 -17.01 -2.02 16.81
N SER A 61 -17.01 -2.03 16.83
CA SER A 61 -16.50 -3.39 16.98
CA SER A 61 -16.49 -3.38 17.00
C SER A 61 -14.99 -3.43 16.80
C SER A 61 -14.98 -3.42 16.80
N ARG A 62 -14.48 -2.74 15.77
CA ARG A 62 -13.04 -2.65 15.54
C ARG A 62 -12.32 -1.99 16.72
N TYR A 63 -12.98 -1.02 17.37
CA TYR A 63 -12.34 -0.35 18.52
C TYR A 63 -12.19 -1.28 19.72
N ASP A 64 -13.02 -2.32 19.83
CA ASP A 64 -12.95 -3.24 20.96
C ASP A 64 -11.80 -4.21 20.83
N THR A 65 -11.50 -4.67 19.62
CA THR A 65 -10.57 -5.78 19.46
C THR A 65 -9.46 -5.53 18.46
N MET A 66 -9.40 -4.35 17.84
CA MET A 66 -8.31 -3.96 16.95
C MET A 66 -7.92 -2.51 17.24
N ARG A 67 -7.76 -2.19 18.53
CA ARG A 67 -7.63 -0.79 18.94
C ARG A 67 -6.34 -0.13 18.46
N ARG A 68 -5.24 -0.88 18.33
CA ARG A 68 -4.01 -0.28 17.81
C ARG A 68 -4.17 0.25 16.39
N LEU A 69 -5.17 -0.24 15.64
CA LEU A 69 -5.52 0.25 14.31
C LEU A 69 -6.47 1.46 14.36
N MET A 70 -6.75 1.98 15.56
CA MET A 70 -7.67 3.11 15.71
C MET A 70 -7.18 4.17 16.69
N SER A 71 -5.96 4.03 17.24
CA SER A 71 -5.51 4.81 18.39
C SER A 71 -4.01 4.61 18.56
N SER A 72 -3.32 5.67 19.02
CA SER A 72 -1.89 5.61 19.34
C SER A 72 -1.61 5.41 20.83
N ARG A 73 -2.65 5.31 21.67
CA ARG A 73 -2.45 5.33 23.12
C ARG A 73 -1.59 4.16 23.61
N ASP A 74 -1.60 3.03 22.91
CA ASP A 74 -0.89 1.83 23.35
C ASP A 74 0.31 1.48 22.44
N TRP A 75 0.74 2.41 21.59
CA TRP A 75 1.83 2.09 20.67
C TRP A 75 3.16 1.95 21.43
N PRO A 76 4.02 1.05 20.97
CA PRO A 76 5.35 0.91 21.58
C PRO A 76 6.31 2.00 21.12
N ARG A 77 7.36 2.18 21.93
CA ARG A 77 8.34 3.23 21.65
C ARG A 77 9.19 2.90 20.43
N THR A 78 9.35 1.62 20.11
CA THR A 78 10.17 1.19 18.98
C THR A 78 9.49 0.05 18.25
N ARG A 79 9.99 -0.22 17.04
CA ARG A 79 9.62 -1.37 16.22
C ARG A 79 10.85 -1.83 15.44
N THR A 80 10.89 -3.12 15.11
CA THR A 80 12.00 -3.67 14.34
C THR A 80 11.68 -3.61 12.86
N GLY A 81 12.61 -3.11 12.05
CA GLY A 81 12.42 -3.11 10.61
C GLY A 81 12.73 -4.48 10.01
N THR A 82 11.79 -5.00 9.22
CA THR A 82 11.92 -6.33 8.63
C THR A 82 11.59 -6.28 7.15
N GLY A 83 12.13 -7.25 6.40
CA GLY A 83 11.89 -7.30 4.97
C GLY A 83 12.52 -6.09 4.27
N ILE A 84 11.71 -5.41 3.44
CA ILE A 84 12.17 -4.20 2.75
C ILE A 84 12.50 -3.08 3.73
N LEU A 85 12.03 -3.15 4.98
CA LEU A 85 12.41 -2.20 6.02
C LEU A 85 13.63 -2.64 6.84
N SER A 86 14.27 -3.76 6.51
CA SER A 86 15.47 -4.18 7.23
C SER A 86 16.70 -3.41 6.76
N SER A 87 17.61 -3.14 7.70
CA SER A 87 18.89 -2.49 7.39
C SER A 87 20.03 -3.48 7.17
N GLN A 88 19.73 -4.79 7.20
CA GLN A 88 20.76 -5.81 6.98
C GLN A 88 20.79 -6.21 5.50
N PRO A 89 21.96 -6.15 4.84
CA PRO A 89 22.01 -6.51 3.40
C PRO A 89 21.54 -7.91 3.09
N GLU A 90 21.74 -8.87 3.99
CA GLU A 90 21.32 -10.23 3.72
C GLU A 90 19.80 -10.35 3.69
N GLU A 91 19.09 -9.57 4.51
CA GLU A 91 17.64 -9.59 4.53
C GLU A 91 17.02 -8.66 3.48
N ASN A 92 17.73 -7.59 3.11
CA ASN A 92 17.19 -6.56 2.21
C ASN A 92 18.27 -6.19 1.20
N PRO A 93 18.42 -7.00 0.14
CA PRO A 93 19.43 -6.68 -0.89
C PRO A 93 19.11 -5.43 -1.68
N TYR A 94 17.87 -4.94 -1.62
CA TYR A 94 17.45 -3.81 -2.44
C TYR A 94 17.89 -2.47 -1.85
N TRP A 95 17.39 -2.10 -0.66
CA TRP A 95 17.53 -0.75 -0.11
C TRP A 95 17.99 -0.77 1.35
N TRP A 96 18.91 -1.67 1.71
CA TRP A 96 19.30 -1.84 3.12
C TRP A 96 19.88 -0.58 3.74
N ASN A 97 20.47 0.33 2.95
CA ASN A 97 21.12 1.52 3.49
C ASN A 97 20.21 2.75 3.50
N ALA A 98 18.92 2.61 3.16
CA ALA A 98 18.01 3.74 3.06
C ALA A 98 17.58 4.27 4.44
N ASN A 99 17.10 5.51 4.44
CA ASN A 99 16.32 6.02 5.57
C ASN A 99 14.96 5.33 5.60
N MET A 100 14.60 4.74 6.75
CA MET A 100 13.43 3.87 6.87
C MET A 100 12.33 4.53 7.71
N VAL A 101 11.09 4.54 7.19
CA VAL A 101 9.93 5.10 7.88
C VAL A 101 8.76 4.13 7.80
N PHE A 102 8.18 3.79 8.95
CA PHE A 102 6.97 2.98 9.04
C PHE A 102 5.85 3.87 9.59
N ILE A 103 4.76 4.01 8.82
CA ILE A 103 3.64 4.85 9.22
C ILE A 103 2.50 3.94 9.66
N PRO A 104 2.17 3.86 10.95
CA PRO A 104 1.07 2.99 11.39
C PRO A 104 -0.26 3.43 10.81
N TYR A 105 -1.11 2.44 10.52
CA TYR A 105 -2.44 2.65 9.98
C TYR A 105 -3.41 2.76 11.15
N CYS A 106 -3.88 3.99 11.43
CA CYS A 106 -4.80 4.18 12.56
C CYS A 106 -6.03 4.99 12.17
N SER A 107 -6.38 5.01 10.87
CA SER A 107 -7.49 5.79 10.35
C SER A 107 -8.61 4.98 9.72
N SER A 108 -8.41 3.67 9.48
CA SER A 108 -9.49 2.75 9.10
C SER A 108 -10.22 3.15 7.81
N ASP A 109 -9.54 3.89 6.93
CA ASP A 109 -10.15 4.55 5.77
C ASP A 109 -9.40 4.29 4.46
N VAL A 110 -8.57 3.23 4.41
CA VAL A 110 -7.73 2.91 3.26
C VAL A 110 -6.86 4.11 2.87
N TRP A 111 -6.47 4.91 3.87
CA TRP A 111 -5.59 6.06 3.68
C TRP A 111 -6.22 7.19 2.84
N SER A 112 -7.56 7.27 2.82
CA SER A 112 -8.27 8.20 1.94
C SER A 112 -8.95 9.37 2.66
N GLY A 113 -9.01 9.35 3.99
CA GLY A 113 -9.90 10.28 4.68
C GLY A 113 -9.29 11.65 4.92
N ALA A 114 -10.18 12.65 5.04
CA ALA A 114 -9.80 14.00 5.43
C ALA A 114 -10.92 14.63 6.25
N SER A 115 -11.29 13.99 7.35
N SER A 115 -11.32 13.97 7.33
CA SER A 115 -12.40 14.43 8.19
CA SER A 115 -12.39 14.49 8.18
C SER A 115 -12.04 14.29 9.66
C SER A 115 -12.03 14.31 9.64
N SER A 116 -12.25 15.36 10.43
CA SER A 116 -11.90 15.38 11.84
C SER A 116 -13.07 14.92 12.73
N LYS A 117 -12.72 14.48 13.93
CA LYS A 117 -13.73 14.26 14.96
C LYS A 117 -14.38 15.60 15.30
N SER A 118 -15.68 15.57 15.59
CA SER A 118 -16.43 16.80 15.84
C SER A 118 -17.73 16.44 16.56
N GLU A 119 -18.58 17.45 16.79
CA GLU A 119 -19.87 17.20 17.40
C GLU A 119 -20.74 16.26 16.58
N LYS A 120 -20.52 16.19 15.27
CA LYS A 120 -21.29 15.32 14.39
C LYS A 120 -20.59 14.02 14.02
N ASN A 121 -19.33 13.84 14.40
CA ASN A 121 -18.53 12.68 13.99
C ASN A 121 -17.90 12.03 15.22
N GLU A 122 -18.31 10.79 15.51
CA GLU A 122 -17.70 10.04 16.62
C GLU A 122 -16.22 9.77 16.37
N TYR A 123 -15.83 9.53 15.13
CA TYR A 123 -14.46 9.19 14.78
C TYR A 123 -13.89 10.18 13.77
N ALA A 124 -12.57 10.32 13.77
CA ALA A 124 -11.84 11.07 12.76
C ALA A 124 -11.30 10.11 11.72
N PHE A 125 -11.40 10.50 10.44
CA PHE A 125 -10.84 9.69 9.34
C PHE A 125 -9.88 10.59 8.57
N MET A 126 -8.58 10.49 8.90
CA MET A 126 -7.60 11.48 8.43
C MET A 126 -6.42 10.86 7.68
N GLY A 127 -6.59 9.69 7.07
CA GLY A 127 -5.45 8.98 6.47
C GLY A 127 -4.69 9.79 5.41
N ALA A 128 -5.41 10.49 4.52
CA ALA A 128 -4.74 11.29 3.49
C ALA A 128 -3.97 12.45 4.12
N LEU A 129 -4.48 13.02 5.21
CA LEU A 129 -3.80 14.11 5.90
C LEU A 129 -2.64 13.62 6.74
N ILE A 130 -2.71 12.40 7.29
CA ILE A 130 -1.59 11.83 8.03
C ILE A 130 -0.36 11.72 7.13
N ILE A 131 -0.54 11.22 5.90
CA ILE A 131 0.59 11.09 4.98
C ILE A 131 1.22 12.45 4.69
N GLN A 132 0.38 13.46 4.41
CA GLN A 132 0.91 14.79 4.11
C GLN A 132 1.67 15.37 5.29
N GLU A 133 1.17 15.17 6.51
CA GLU A 133 1.83 15.75 7.68
C GLU A 133 3.13 15.03 8.02
N VAL A 134 3.18 13.70 7.83
CA VAL A 134 4.42 12.96 8.01
C VAL A 134 5.48 13.50 7.05
N VAL A 135 5.13 13.66 5.77
CA VAL A 135 6.06 14.19 4.79
C VAL A 135 6.58 15.56 5.21
N ARG A 136 5.67 16.45 5.64
CA ARG A 136 6.05 17.80 6.04
C ARG A 136 7.02 17.78 7.22
N GLU A 137 6.75 16.95 8.23
CA GLU A 137 7.61 16.95 9.42
C GLU A 137 8.95 16.29 9.14
N LEU A 138 9.02 15.37 8.16
CA LEU A 138 10.29 14.73 7.81
C LEU A 138 11.22 15.66 7.06
N LEU A 139 10.69 16.68 6.36
CA LEU A 139 11.55 17.56 5.59
C LEU A 139 12.61 18.23 6.46
N GLY A 140 12.28 18.51 7.73
CA GLY A 140 13.24 19.07 8.66
C GLY A 140 14.16 18.06 9.33
N ARG A 141 13.93 16.77 9.10
CA ARG A 141 14.78 15.72 9.64
C ARG A 141 15.68 15.09 8.58
N GLY A 142 15.81 15.70 7.40
CA GLY A 142 16.70 15.22 6.36
C GLY A 142 16.03 14.92 5.03
N LEU A 143 14.71 14.80 4.98
CA LEU A 143 14.06 14.48 3.71
C LEU A 143 14.26 15.58 2.67
N SER A 144 14.55 16.81 3.10
CA SER A 144 14.81 17.90 2.15
C SER A 144 15.99 17.61 1.25
N GLY A 145 16.92 16.74 1.67
CA GLY A 145 18.07 16.39 0.86
C GLY A 145 17.94 15.13 0.04
N ALA A 146 16.75 14.53 0.00
CA ALA A 146 16.56 13.25 -0.67
C ALA A 146 16.68 13.38 -2.18
N LYS A 147 17.10 12.29 -2.81
CA LYS A 147 17.01 12.14 -4.26
C LYS A 147 15.79 11.31 -4.68
N VAL A 148 15.39 10.33 -3.89
CA VAL A 148 14.22 9.49 -4.19
C VAL A 148 13.42 9.29 -2.91
N LEU A 149 12.10 9.47 -3.01
CA LEU A 149 11.14 9.11 -1.96
C LEU A 149 10.26 7.99 -2.52
N LEU A 150 10.41 6.77 -1.98
CA LEU A 150 9.59 5.63 -2.38
C LEU A 150 8.47 5.48 -1.35
N LEU A 151 7.23 5.71 -1.79
CA LEU A 151 6.06 5.49 -0.96
C LEU A 151 5.59 4.07 -1.22
N ALA A 152 5.76 3.19 -0.24
CA ALA A 152 5.42 1.77 -0.34
C ALA A 152 4.31 1.44 0.65
N GLY A 153 3.71 0.25 0.50
CA GLY A 153 2.67 -0.17 1.44
C GLY A 153 2.12 -1.53 1.07
N SER A 154 1.51 -2.18 2.07
CA SER A 154 0.96 -3.53 1.91
C SER A 154 -0.53 -3.61 2.24
N SER A 155 -1.26 -4.37 1.42
CA SER A 155 -2.69 -4.68 1.65
C SER A 155 -3.50 -3.38 1.53
N ALA A 156 -4.29 -2.97 2.54
CA ALA A 156 -4.91 -1.65 2.49
C ALA A 156 -3.88 -0.54 2.31
N GLY A 157 -2.65 -0.74 2.80
CA GLY A 157 -1.60 0.23 2.55
C GLY A 157 -1.13 0.26 1.10
N GLY A 158 -1.21 -0.89 0.40
CA GLY A 158 -0.90 -0.90 -1.02
C GLY A 158 -1.90 -0.10 -1.84
N THR A 159 -3.20 -0.24 -1.54
CA THR A 159 -4.19 0.63 -2.17
C THR A 159 -3.93 2.09 -1.80
N GLY A 160 -3.53 2.32 -0.54
CA GLY A 160 -3.17 3.67 -0.11
C GLY A 160 -2.08 4.32 -0.95
N VAL A 161 -1.08 3.53 -1.38
CA VAL A 161 -0.06 4.05 -2.29
C VAL A 161 -0.70 4.59 -3.56
N LEU A 162 -1.58 3.79 -4.18
CA LEU A 162 -2.22 4.21 -5.42
C LEU A 162 -3.03 5.48 -5.22
N LEU A 163 -3.66 5.63 -4.05
CA LEU A 163 -4.51 6.79 -3.77
C LEU A 163 -3.72 8.05 -3.42
N ASN A 164 -2.45 7.92 -3.01
CA ASN A 164 -1.73 9.06 -2.45
C ASN A 164 -0.40 9.43 -3.13
N VAL A 165 0.18 8.58 -3.98
CA VAL A 165 1.52 8.86 -4.53
C VAL A 165 1.56 10.18 -5.31
N ASP A 166 0.56 10.44 -6.17
CA ASP A 166 0.57 11.68 -6.94
C ASP A 166 0.35 12.91 -6.06
N ARG A 167 -0.40 12.78 -4.95
CA ARG A 167 -0.57 13.93 -4.08
C ARG A 167 0.73 14.27 -3.35
N VAL A 168 1.52 13.25 -2.96
CA VAL A 168 2.83 13.51 -2.36
C VAL A 168 3.75 14.23 -3.34
N ALA A 169 3.77 13.78 -4.60
CA ALA A 169 4.57 14.44 -5.62
C ALA A 169 4.17 15.91 -5.79
N GLU A 170 2.86 16.19 -5.80
CA GLU A 170 2.38 17.57 -5.95
C GLU A 170 2.71 18.41 -4.73
N GLN A 171 2.56 17.84 -3.53
CA GLN A 171 2.89 18.54 -2.29
C GLN A 171 4.35 18.98 -2.28
N LEU A 172 5.27 18.10 -2.67
CA LEU A 172 6.68 18.46 -2.62
C LEU A 172 7.00 19.53 -3.67
N GLU A 173 6.38 19.45 -4.85
CA GLU A 173 6.57 20.49 -5.85
C GLU A 173 6.08 21.85 -5.35
N LYS A 174 4.89 21.89 -4.76
CA LYS A 174 4.34 23.15 -4.29
C LYS A 174 5.14 23.71 -3.11
N LEU A 175 5.72 22.85 -2.27
CA LEU A 175 6.55 23.28 -1.16
C LEU A 175 7.93 23.76 -1.60
N GLY A 176 8.35 23.48 -2.82
CA GLY A 176 9.61 23.99 -3.34
C GLY A 176 10.73 22.98 -3.39
N TYR A 177 10.43 21.69 -3.53
CA TYR A 177 11.44 20.63 -3.57
C TYR A 177 11.28 19.85 -4.87
N PRO A 178 11.63 20.44 -6.02
CA PRO A 178 11.40 19.76 -7.30
C PRO A 178 12.41 18.68 -7.64
N ALA A 179 13.51 18.56 -6.89
CA ALA A 179 14.54 17.57 -7.19
C ALA A 179 14.27 16.21 -6.56
N ILE A 180 13.27 16.09 -5.68
CA ILE A 180 12.96 14.81 -5.07
C ILE A 180 12.07 14.01 -6.01
N GLN A 181 12.52 12.82 -6.41
CA GLN A 181 11.74 11.96 -7.30
C GLN A 181 10.83 11.06 -6.49
N VAL A 182 9.52 11.23 -6.64
CA VAL A 182 8.53 10.44 -5.89
C VAL A 182 8.08 9.26 -6.74
N ARG A 183 8.12 8.06 -6.15
CA ARG A 183 7.72 6.81 -6.78
C ARG A 183 6.86 6.01 -5.80
N GLY A 184 6.10 5.04 -6.32
CA GLY A 184 5.25 4.19 -5.49
C GLY A 184 5.53 2.71 -5.64
N LEU A 185 5.32 1.96 -4.56
CA LEU A 185 5.41 0.50 -4.55
C LEU A 185 4.16 -0.05 -3.86
N ALA A 186 3.22 -0.59 -4.64
CA ALA A 186 1.93 -1.06 -4.11
C ALA A 186 1.94 -2.58 -4.02
N ASP A 187 1.98 -3.12 -2.80
CA ASP A 187 2.03 -4.56 -2.52
C ASP A 187 0.66 -5.05 -2.03
N SER A 188 0.09 -6.05 -2.72
CA SER A 188 -1.11 -6.74 -2.24
C SER A 188 -2.32 -5.82 -2.11
N GLY A 189 -2.38 -4.77 -2.94
CA GLY A 189 -3.50 -3.84 -2.92
C GLY A 189 -4.21 -3.65 -4.25
N TRP A 190 -4.06 -4.61 -5.16
CA TRP A 190 -4.59 -4.56 -6.54
C TRP A 190 -5.73 -5.57 -6.66
N PHE A 191 -6.97 -5.09 -6.52
CA PHE A 191 -8.14 -5.96 -6.37
C PHE A 191 -9.07 -5.86 -7.59
N LEU A 192 -9.90 -6.89 -7.76
CA LEU A 192 -10.91 -6.93 -8.82
C LEU A 192 -12.30 -6.82 -8.21
N ASP A 193 -13.14 -5.96 -8.81
CA ASP A 193 -14.55 -5.84 -8.44
C ASP A 193 -15.38 -6.86 -9.22
N ASN A 194 -15.12 -8.13 -8.93
CA ASN A 194 -15.68 -9.25 -9.67
C ASN A 194 -16.91 -9.84 -8.97
N LYS A 195 -17.54 -10.81 -9.62
CA LYS A 195 -18.68 -11.52 -9.04
C LYS A 195 -18.15 -12.57 -8.07
N GLN A 196 -18.85 -12.74 -6.95
CA GLN A 196 -18.46 -13.75 -5.96
C GLN A 196 -18.75 -15.16 -6.47
N TYR A 197 -18.02 -16.13 -5.91
CA TYR A 197 -18.28 -17.54 -6.22
C TYR A 197 -19.61 -17.99 -5.63
N ARG A 198 -19.92 -17.57 -4.41
CA ARG A 198 -21.25 -17.74 -3.82
C ARG A 198 -21.72 -16.41 -3.27
N THR A 211 -18.20 -3.99 -3.04
CA THR A 211 -18.12 -2.60 -3.47
C THR A 211 -19.12 -1.74 -2.72
N GLU A 212 -20.20 -2.36 -2.22
CA GLU A 212 -21.19 -1.60 -1.46
C GLU A 212 -20.59 -1.02 -0.20
N ALA A 213 -19.70 -1.77 0.45
CA ALA A 213 -19.09 -1.29 1.70
C ALA A 213 -18.10 -0.16 1.45
N ILE A 214 -17.33 -0.23 0.36
CA ILE A 214 -16.43 0.88 0.03
C ILE A 214 -17.20 2.15 -0.32
N ARG A 215 -18.28 2.02 -1.08
CA ARG A 215 -19.09 3.20 -1.41
C ARG A 215 -19.66 3.84 -0.15
N ARG A 216 -20.14 3.03 0.79
CA ARG A 216 -20.64 3.58 2.05
C ARG A 216 -19.49 4.16 2.87
N GLY A 217 -18.35 3.46 2.89
CA GLY A 217 -17.20 3.96 3.63
C GLY A 217 -16.75 5.33 3.17
N ILE A 218 -16.66 5.53 1.84
CA ILE A 218 -16.21 6.81 1.30
C ILE A 218 -17.07 7.96 1.79
N ARG A 219 -18.40 7.76 1.83
CA ARG A 219 -19.29 8.79 2.36
C ARG A 219 -19.04 9.04 3.84
N TYR A 220 -18.87 7.96 4.61
CA TYR A 220 -18.64 8.06 6.04
C TYR A 220 -17.34 8.78 6.38
N TRP A 221 -16.31 8.64 5.53
CA TRP A 221 -14.98 9.15 5.82
C TRP A 221 -14.70 10.53 5.22
N ASN A 222 -15.57 11.01 4.34
CA ASN A 222 -15.22 12.10 3.43
C ASN A 222 -13.95 11.76 2.64
N GLY A 223 -13.96 10.58 2.00
CA GLY A 223 -12.76 10.07 1.36
C GLY A 223 -12.44 10.79 0.06
N VAL A 224 -11.13 10.91 -0.21
CA VAL A 224 -10.63 11.59 -1.40
C VAL A 224 -9.83 10.63 -2.27
N VAL A 225 -9.91 10.83 -3.58
CA VAL A 225 -9.23 9.99 -4.57
C VAL A 225 -8.40 10.90 -5.46
N PRO A 226 -7.45 10.32 -6.23
CA PRO A 226 -6.61 11.16 -7.12
C PRO A 226 -7.44 11.94 -8.15
N GLU A 227 -6.94 13.14 -8.49
CA GLU A 227 -7.78 14.13 -9.18
C GLU A 227 -8.20 13.70 -10.59
N ARG A 228 -7.26 13.16 -11.39
CA ARG A 228 -7.63 12.75 -12.74
C ARG A 228 -8.65 11.62 -12.72
N CYS A 229 -8.48 10.67 -11.81
CA CYS A 229 -9.43 9.58 -11.68
C CYS A 229 -10.80 10.10 -11.22
N ARG A 230 -10.79 11.03 -10.26
CA ARG A 230 -12.04 11.67 -9.82
C ARG A 230 -12.77 12.33 -10.98
N ARG A 231 -12.04 12.99 -11.88
CA ARG A 231 -12.66 13.70 -12.99
C ARG A 231 -13.20 12.76 -14.07
N GLN A 232 -12.61 11.57 -14.20
CA GLN A 232 -13.14 10.56 -15.12
C GLN A 232 -14.46 9.98 -14.62
N PHE A 233 -14.51 9.56 -13.36
CA PHE A 233 -15.65 8.80 -12.86
C PHE A 233 -16.76 9.70 -12.32
N GLN A 234 -16.41 10.89 -11.81
CA GLN A 234 -17.36 11.92 -11.38
C GLN A 234 -18.14 11.56 -10.12
N GLU A 235 -19.03 12.45 -9.70
CA GLU A 235 -19.59 12.38 -8.37
C GLU A 235 -20.43 11.11 -8.19
N GLY A 236 -20.32 10.50 -7.01
CA GLY A 236 -21.00 9.26 -6.72
C GLY A 236 -20.30 8.01 -7.23
N GLU A 237 -19.26 8.15 -8.05
CA GLU A 237 -18.60 6.99 -8.63
C GLU A 237 -17.13 6.92 -8.26
N GLU A 238 -16.70 7.68 -7.24
CA GLU A 238 -15.28 7.70 -6.87
C GLU A 238 -14.78 6.37 -6.31
N TRP A 239 -15.68 5.49 -5.86
CA TRP A 239 -15.28 4.15 -5.42
C TRP A 239 -14.49 3.41 -6.48
N ASN A 240 -14.72 3.73 -7.77
CA ASN A 240 -13.99 3.06 -8.85
C ASN A 240 -12.48 3.23 -8.71
N CYS A 241 -12.04 4.36 -8.14
CA CYS A 241 -10.62 4.69 -8.02
C CYS A 241 -9.90 3.88 -6.94
N PHE A 242 -10.62 3.08 -6.15
CA PHE A 242 -10.00 2.15 -5.21
C PHE A 242 -9.55 0.85 -5.87
N PHE A 243 -9.84 0.65 -7.15
CA PHE A 243 -9.50 -0.57 -7.87
C PHE A 243 -8.33 -0.28 -8.79
N GLY A 244 -7.21 -0.99 -8.56
CA GLY A 244 -5.95 -0.65 -9.22
C GLY A 244 -6.03 -0.54 -10.73
N TYR A 245 -6.72 -1.47 -11.39
CA TYR A 245 -6.76 -1.46 -12.85
C TYR A 245 -7.46 -0.22 -13.40
N LYS A 246 -8.27 0.47 -12.59
CA LYS A 246 -8.95 1.69 -13.01
C LYS A 246 -8.21 2.97 -12.62
N VAL A 247 -7.53 2.99 -11.47
CA VAL A 247 -6.80 4.17 -11.03
C VAL A 247 -5.38 4.23 -11.59
N TYR A 248 -4.69 3.09 -11.73
CA TYR A 248 -3.31 3.09 -12.23
C TYR A 248 -3.10 3.86 -13.53
N PRO A 249 -3.91 3.68 -14.59
CA PRO A 249 -3.62 4.41 -15.84
C PRO A 249 -3.69 5.92 -15.73
N THR A 250 -4.32 6.47 -14.68
CA THR A 250 -4.45 7.91 -14.50
C THR A 250 -3.26 8.54 -13.79
N LEU A 251 -2.35 7.73 -13.23
CA LEU A 251 -1.28 8.23 -12.37
C LEU A 251 -0.06 8.68 -13.17
N ARG A 252 0.57 9.77 -12.72
CA ARG A 252 1.78 10.27 -13.36
C ARG A 252 3.07 9.76 -12.74
N SER A 253 3.09 9.45 -11.44
CA SER A 253 4.32 8.97 -10.80
C SER A 253 4.57 7.51 -11.18
N PRO A 254 5.84 7.11 -11.28
CA PRO A 254 6.15 5.68 -11.53
C PRO A 254 5.69 4.82 -10.36
N VAL A 255 5.00 3.71 -10.66
CA VAL A 255 4.47 2.79 -9.65
C VAL A 255 4.80 1.34 -10.03
N PHE A 256 5.45 0.61 -9.11
CA PHE A 256 5.71 -0.82 -9.23
C PHE A 256 4.61 -1.58 -8.48
N VAL A 257 3.99 -2.58 -9.13
CA VAL A 257 2.84 -3.33 -8.56
C VAL A 257 3.28 -4.75 -8.23
N VAL A 258 3.13 -5.16 -6.97
CA VAL A 258 3.33 -6.54 -6.51
C VAL A 258 1.96 -7.11 -6.16
N GLN A 259 1.57 -8.25 -6.76
CA GLN A 259 0.26 -8.85 -6.46
C GLN A 259 0.28 -10.36 -6.73
N TRP A 260 -0.05 -11.17 -5.72
CA TRP A 260 -0.29 -12.59 -5.97
C TRP A 260 -1.47 -12.74 -6.93
N LEU A 261 -1.36 -13.69 -7.87
CA LEU A 261 -2.49 -13.94 -8.77
C LEU A 261 -3.70 -14.47 -8.01
N PHE A 262 -3.49 -15.16 -6.88
CA PHE A 262 -4.57 -15.73 -6.08
C PHE A 262 -4.49 -15.21 -4.64
N ASP A 263 -4.66 -13.90 -4.50
CA ASP A 263 -4.53 -13.25 -3.19
C ASP A 263 -5.64 -13.72 -2.24
N GLU A 264 -5.25 -14.06 -1.00
CA GLU A 264 -6.22 -14.58 -0.03
C GLU A 264 -7.32 -13.60 0.31
N ALA A 265 -7.03 -12.29 0.37
CA ALA A 265 -8.09 -11.32 0.66
C ALA A 265 -9.10 -11.24 -0.48
N GLN A 266 -8.62 -11.32 -1.73
CA GLN A 266 -9.51 -11.40 -2.88
C GLN A 266 -10.42 -12.63 -2.80
N LEU A 267 -9.84 -13.79 -2.49
CA LEU A 267 -10.64 -15.02 -2.42
C LEU A 267 -11.62 -14.99 -1.24
N THR A 268 -11.25 -14.36 -0.12
CA THR A 268 -12.16 -14.26 1.01
C THR A 268 -13.40 -13.45 0.65
N VAL A 269 -13.21 -12.26 0.05
CA VAL A 269 -14.37 -11.47 -0.34
C VAL A 269 -15.17 -12.16 -1.44
N ASP A 270 -14.52 -13.01 -2.24
CA ASP A 270 -15.20 -13.80 -3.26
C ASP A 270 -15.90 -15.03 -2.70
N ASN A 271 -15.79 -15.29 -1.39
CA ASN A 271 -16.43 -16.44 -0.73
C ASN A 271 -15.88 -17.78 -1.20
N VAL A 272 -14.56 -17.85 -1.36
CA VAL A 272 -13.84 -19.08 -1.74
C VAL A 272 -12.99 -19.50 -0.55
N HIS A 273 -13.14 -20.76 -0.14
CA HIS A 273 -12.35 -21.28 0.97
C HIS A 273 -11.77 -22.67 0.67
N PRO A 278 -10.68 -31.07 -2.66
CA PRO A 278 -11.19 -31.86 -3.79
C PRO A 278 -12.08 -31.00 -4.69
N VAL A 279 -11.46 -30.24 -5.59
CA VAL A 279 -12.11 -29.08 -6.22
C VAL A 279 -12.92 -29.53 -7.43
N GLN A 280 -14.20 -29.17 -7.46
CA GLN A 280 -15.03 -29.59 -8.58
C GLN A 280 -14.99 -28.54 -9.70
N GLU A 281 -15.60 -28.90 -10.83
CA GLU A 281 -15.39 -28.15 -12.08
C GLU A 281 -15.76 -26.68 -11.93
N GLY A 282 -16.90 -26.37 -11.31
CA GLY A 282 -17.31 -24.97 -11.21
C GLY A 282 -16.30 -24.10 -10.49
N LEU A 283 -15.75 -24.60 -9.37
CA LEU A 283 -14.75 -23.85 -8.63
C LEU A 283 -13.41 -23.81 -9.36
N ARG A 284 -13.04 -24.91 -10.04
CA ARG A 284 -11.82 -24.91 -10.83
C ARG A 284 -11.86 -23.81 -11.89
N LEU A 285 -12.97 -23.73 -12.63
CA LEU A 285 -13.11 -22.70 -13.65
C LEU A 285 -13.10 -21.29 -13.03
N TYR A 286 -13.74 -21.12 -11.87
CA TYR A 286 -13.75 -19.81 -11.22
C TYR A 286 -12.33 -19.35 -10.88
N ILE A 287 -11.53 -20.23 -10.30
CA ILE A 287 -10.19 -19.87 -9.86
C ILE A 287 -9.28 -19.60 -11.06
N GLN A 288 -9.39 -20.43 -12.10
CA GLN A 288 -8.58 -20.21 -13.30
C GLN A 288 -8.95 -18.89 -13.97
N ASN A 289 -10.24 -18.57 -14.05
CA ASN A 289 -10.64 -17.30 -14.64
C ASN A 289 -10.15 -16.11 -13.81
N LEU A 290 -10.14 -16.24 -12.47
CA LEU A 290 -9.63 -15.15 -11.64
C LEU A 290 -8.16 -14.87 -11.94
N GLY A 291 -7.32 -15.91 -11.99
CA GLY A 291 -5.92 -15.71 -12.34
C GLY A 291 -5.73 -15.09 -13.71
N ARG A 292 -6.53 -15.54 -14.69
CA ARG A 292 -6.42 -14.98 -16.04
C ARG A 292 -6.81 -13.51 -16.08
N GLU A 293 -7.86 -13.14 -15.33
CA GLU A 293 -8.27 -11.73 -15.29
C GLU A 293 -7.21 -10.86 -14.62
N LEU A 294 -6.65 -11.33 -13.51
N LEU A 294 -6.63 -11.33 -13.52
CA LEU A 294 -5.59 -10.56 -12.84
CA LEU A 294 -5.60 -10.51 -12.88
C LEU A 294 -4.40 -10.35 -13.78
C LEU A 294 -4.40 -10.34 -13.80
N ARG A 295 -3.96 -11.43 -14.44
CA ARG A 295 -2.86 -11.34 -15.39
C ARG A 295 -3.17 -10.34 -16.51
N HIS A 296 -4.42 -10.33 -16.99
CA HIS A 296 -4.80 -9.40 -18.06
C HIS A 296 -4.70 -7.94 -17.62
N THR A 297 -5.10 -7.64 -16.36
CA THR A 297 -5.03 -6.26 -15.89
C THR A 297 -3.60 -5.76 -15.73
N LEU A 298 -2.62 -6.67 -15.67
CA LEU A 298 -1.22 -6.28 -15.51
C LEU A 298 -0.44 -6.22 -16.82
N LYS A 299 -1.09 -6.51 -17.95
CA LYS A 299 -0.39 -6.60 -19.23
C LYS A 299 0.29 -5.28 -19.59
N ASP A 300 -0.35 -4.16 -19.31
CA ASP A 300 0.17 -2.83 -19.60
C ASP A 300 0.75 -2.14 -18.37
N VAL A 301 1.19 -2.91 -17.37
CA VAL A 301 1.88 -2.38 -16.21
C VAL A 301 3.35 -2.77 -16.34
N PRO A 302 4.23 -1.87 -16.78
CA PRO A 302 5.60 -2.30 -17.12
C PRO A 302 6.45 -2.76 -15.95
N ALA A 303 6.21 -2.24 -14.74
CA ALA A 303 6.96 -2.65 -13.56
C ALA A 303 6.02 -3.42 -12.63
N SER A 304 6.13 -4.75 -12.62
CA SER A 304 5.21 -5.56 -11.83
C SER A 304 5.81 -6.93 -11.52
N PHE A 305 5.28 -7.54 -10.45
CA PHE A 305 5.78 -8.84 -9.93
C PHE A 305 4.55 -9.57 -9.44
N ALA A 306 4.12 -10.59 -10.19
CA ALA A 306 2.82 -11.25 -9.95
C ALA A 306 2.96 -12.77 -9.98
N PRO A 307 3.32 -13.40 -8.86
CA PRO A 307 3.49 -14.85 -8.83
C PRO A 307 2.18 -15.61 -8.68
N ALA A 308 2.17 -16.82 -9.24
CA ALA A 308 0.98 -17.68 -9.25
C ALA A 308 0.89 -18.50 -7.96
N CYS A 309 0.53 -17.79 -6.87
CA CYS A 309 0.47 -18.34 -5.52
C CYS A 309 -0.81 -17.90 -4.83
N LEU A 310 -1.32 -18.80 -3.97
CA LEU A 310 -2.36 -18.48 -3.00
C LEU A 310 -1.67 -18.06 -1.71
N SER A 311 -1.79 -16.78 -1.35
CA SER A 311 -1.02 -16.25 -0.22
C SER A 311 -1.63 -14.96 0.33
N HIS A 312 -1.35 -14.72 1.61
CA HIS A 312 -1.56 -13.43 2.27
C HIS A 312 -0.25 -12.73 2.66
N GLU A 313 0.90 -13.23 2.21
CA GLU A 313 2.20 -12.75 2.70
C GLU A 313 2.62 -11.44 2.03
N ILE A 314 3.39 -10.63 2.76
CA ILE A 314 3.70 -9.26 2.35
C ILE A 314 5.21 -8.97 2.40
N ILE A 315 5.59 -7.82 1.82
CA ILE A 315 7.00 -7.48 1.56
C ILE A 315 7.78 -7.05 2.79
N ILE A 316 7.14 -6.92 3.95
CA ILE A 316 7.89 -6.67 5.18
C ILE A 316 8.18 -7.95 5.96
N ARG A 317 7.88 -9.11 5.37
CA ARG A 317 8.30 -10.36 6.03
C ARG A 317 9.78 -10.63 5.78
N SER A 318 10.42 -11.26 6.76
CA SER A 318 11.87 -11.40 6.72
C SER A 318 12.36 -12.24 5.53
N HIS A 319 11.56 -13.21 5.06
CA HIS A 319 11.96 -14.06 3.94
C HIS A 319 11.38 -13.62 2.60
N TRP A 320 11.12 -12.32 2.44
CA TRP A 320 10.56 -11.80 1.19
C TRP A 320 11.48 -12.04 -0.01
N THR A 321 12.76 -12.37 0.23
CA THR A 321 13.72 -12.60 -0.84
C THR A 321 13.51 -13.93 -1.56
N ASP A 322 12.66 -14.82 -1.03
CA ASP A 322 12.65 -16.21 -1.47
C ASP A 322 11.88 -16.46 -2.77
N VAL A 323 10.83 -15.70 -3.06
CA VAL A 323 9.99 -15.98 -4.22
C VAL A 323 10.68 -15.47 -5.48
N GLN A 324 10.55 -16.22 -6.58
CA GLN A 324 11.07 -15.80 -7.88
C GLN A 324 10.01 -16.03 -8.96
N VAL A 325 10.00 -15.15 -9.96
CA VAL A 325 9.21 -15.32 -11.18
C VAL A 325 10.20 -15.37 -12.35
N LYS A 326 10.12 -16.43 -13.15
CA LYS A 326 11.02 -16.59 -14.30
C LYS A 326 12.49 -16.49 -13.89
N GLY A 327 12.83 -16.92 -12.67
CA GLY A 327 14.21 -16.91 -12.21
C GLY A 327 14.69 -15.63 -11.53
N THR A 328 13.82 -14.63 -11.37
CA THR A 328 14.18 -13.33 -10.81
C THR A 328 13.39 -13.06 -9.53
N SER A 329 14.08 -12.69 -8.45
CA SER A 329 13.44 -12.35 -7.18
C SER A 329 12.88 -10.91 -7.20
N LEU A 330 12.03 -10.59 -6.20
CA LEU A 330 11.52 -9.22 -6.11
C LEU A 330 12.61 -8.19 -5.79
N PRO A 331 13.53 -8.43 -4.85
CA PRO A 331 14.61 -7.43 -4.65
C PRO A 331 15.39 -7.17 -5.92
N ARG A 332 15.65 -8.18 -6.75
CA ARG A 332 16.33 -7.93 -8.03
C ARG A 332 15.47 -7.08 -8.95
N ALA A 333 14.19 -7.43 -9.10
CA ALA A 333 13.30 -6.67 -9.99
C ALA A 333 13.22 -5.21 -9.57
N LEU A 334 13.18 -4.93 -8.25
CA LEU A 334 13.15 -3.55 -7.78
C LEU A 334 14.44 -2.82 -8.10
N HIS A 335 15.59 -3.50 -7.97
CA HIS A 335 16.87 -2.92 -8.39
C HIS A 335 16.87 -2.62 -9.88
N CYS A 336 16.32 -3.52 -10.70
CA CYS A 336 16.26 -3.27 -12.14
C CYS A 336 15.36 -2.08 -12.47
N TRP A 337 14.27 -1.93 -11.71
CA TRP A 337 13.41 -0.76 -11.82
C TRP A 337 14.19 0.53 -11.54
N ASP A 338 14.98 0.55 -10.46
CA ASP A 338 15.83 1.71 -10.17
C ASP A 338 16.71 2.06 -11.37
N ARG A 339 17.33 1.04 -11.98
CA ARG A 339 18.20 1.28 -13.13
C ARG A 339 17.42 1.84 -14.31
N SER A 340 16.21 1.32 -14.53
CA SER A 340 15.40 1.79 -15.66
C SER A 340 15.01 3.25 -15.52
N LEU A 341 14.92 3.76 -14.29
CA LEU A 341 14.53 5.14 -14.04
C LEU A 341 15.72 6.10 -13.98
N HIS A 342 16.93 5.63 -14.31
CA HIS A 342 18.06 6.54 -14.52
C HIS A 342 17.77 7.48 -15.68
N PRO A 351 14.90 -1.62 -22.63
CA PRO A 351 15.01 -2.71 -21.67
C PRO A 351 16.46 -3.08 -21.39
N LEU A 352 16.70 -3.63 -20.21
CA LEU A 352 18.06 -3.92 -19.73
C LEU A 352 18.38 -5.39 -19.91
N LYS A 353 19.59 -5.67 -20.36
CA LYS A 353 20.05 -7.03 -20.56
C LYS A 353 20.09 -7.79 -19.23
N GLY A 354 19.28 -8.84 -19.12
CA GLY A 354 19.28 -9.68 -17.93
C GLY A 354 18.76 -9.04 -16.66
N CYS A 355 18.07 -7.91 -16.74
CA CYS A 355 17.57 -7.20 -15.56
C CYS A 355 16.11 -6.81 -15.83
N PRO A 356 15.19 -7.77 -15.71
CA PRO A 356 13.79 -7.51 -16.07
C PRO A 356 13.00 -6.80 -14.97
N VAL A 357 11.94 -6.13 -15.40
CA VAL A 357 11.06 -5.41 -14.48
C VAL A 357 9.59 -5.83 -14.59
N HIS A 358 9.19 -6.51 -15.67
CA HIS A 358 7.82 -7.00 -15.85
C HIS A 358 7.85 -8.53 -15.69
N LEU A 359 7.34 -9.02 -14.56
CA LEU A 359 7.44 -10.44 -14.18
C LEU A 359 6.08 -10.96 -13.72
N VAL A 360 5.31 -11.53 -14.65
CA VAL A 360 3.95 -12.02 -14.37
C VAL A 360 3.90 -13.49 -14.76
N ASP A 361 3.54 -14.36 -13.80
CA ASP A 361 3.42 -15.79 -14.11
C ASP A 361 2.30 -16.04 -15.12
N SER A 362 2.51 -17.02 -16.01
CA SER A 362 1.49 -17.44 -16.95
C SER A 362 0.83 -18.77 -16.60
N CYS A 363 1.34 -19.50 -15.62
CA CYS A 363 0.75 -20.78 -15.29
C CYS A 363 -0.55 -20.58 -14.48
N PRO A 364 -1.53 -21.47 -14.63
CA PRO A 364 -2.92 -21.12 -14.30
C PRO A 364 -3.49 -21.59 -12.96
N TRP A 365 -2.69 -22.16 -12.05
CA TRP A 365 -3.22 -22.73 -10.78
C TRP A 365 -2.30 -22.40 -9.61
N PRO A 366 -2.85 -22.16 -8.41
CA PRO A 366 -1.99 -21.84 -7.26
C PRO A 366 -0.87 -22.87 -7.06
N HIS A 367 0.34 -22.36 -6.81
CA HIS A 367 1.56 -23.13 -6.54
C HIS A 367 2.12 -23.82 -7.78
N CYS A 368 1.69 -23.43 -8.98
CA CYS A 368 2.38 -23.88 -10.19
C CYS A 368 3.77 -23.24 -10.29
N ASN A 369 4.01 -22.15 -9.55
CA ASN A 369 5.35 -21.62 -9.33
C ASN A 369 5.95 -22.34 -8.13
N PRO A 370 7.09 -23.03 -8.29
CA PRO A 370 7.63 -23.82 -7.16
C PRO A 370 8.10 -22.97 -5.98
N SER A 371 8.36 -21.67 -6.17
CA SER A 371 8.92 -20.83 -5.12
C SER A 371 7.87 -20.15 -4.24
N CYS A 372 6.60 -20.49 -4.41
CA CYS A 372 5.53 -19.86 -3.64
C CYS A 372 5.78 -20.04 -2.14
N PRO A 373 5.36 -19.06 -1.33
CA PRO A 373 5.56 -19.17 0.13
C PRO A 373 4.88 -20.42 0.68
N THR A 374 5.53 -21.04 1.64
CA THR A 374 5.02 -22.28 2.23
C THR A 374 4.38 -22.01 3.59
S SO4 B . -5.48 -4.17 20.51
O1 SO4 B . -4.93 -3.63 19.28
O2 SO4 B . -5.10 -3.28 21.59
O3 SO4 B . -6.94 -4.28 20.40
O4 SO4 B . -4.90 -5.49 20.75
C1 NAG C . -2.36 21.04 11.46
C2 NAG C . -2.08 22.37 10.78
C3 NAG C . -3.36 23.01 10.28
C4 NAG C . -4.16 22.03 9.42
C5 NAG C . -4.36 20.72 10.17
C6 NAG C . -5.02 19.65 9.32
C7 NAG C . -0.18 23.82 11.40
C8 NAG C . 0.38 24.74 12.43
N2 NAG C . -1.38 23.28 11.68
O3 NAG C . -3.03 24.15 9.51
O4 NAG C . -5.43 22.59 9.12
O5 NAG C . -3.08 20.19 10.57
O6 NAG C . -4.21 19.30 8.21
O7 NAG C . 0.42 23.56 10.36
S DMS D . 11.34 -7.20 -18.99
O DMS D . 12.36 -6.69 -19.97
C1 DMS D . 9.88 -7.81 -19.88
C2 DMS D . 10.65 -5.75 -18.20
S DMS E . -3.21 13.23 -10.19
O DMS E . -1.92 13.29 -10.94
C1 DMS E . -4.41 14.15 -11.16
C2 DMS E . -3.11 14.30 -8.73
S SO4 F . -21.23 8.42 13.98
O1 SO4 F . -19.99 7.66 13.89
O2 SO4 F . -20.89 9.83 14.21
O3 SO4 F . -22.01 8.30 12.75
O4 SO4 F . -22.03 7.94 15.11
S SO4 G . -14.87 -32.44 -11.99
O1 SO4 G . -13.73 -31.84 -11.29
O2 SO4 G . -14.71 -32.14 -13.42
O3 SO4 G . -14.88 -33.89 -11.79
O4 SO4 G . -16.12 -31.89 -11.47
S SO4 H . 0.26 -9.22 19.28
O1 SO4 H . 0.82 -10.38 18.59
O2 SO4 H . 1.08 -8.05 19.00
O3 SO4 H . -1.11 -8.99 18.80
O4 SO4 H . 0.25 -9.49 20.72
S SO4 I . -5.52 16.41 -5.35
O1 SO4 I . -4.66 16.87 -6.44
O2 SO4 I . -4.91 16.76 -4.08
O3 SO4 I . -5.68 14.96 -5.44
O4 SO4 I . -6.82 17.06 -5.47
S SO4 J . 14.49 12.90 18.78
O1 SO4 J . 15.34 12.65 17.61
O2 SO4 J . 15.33 13.27 19.91
O3 SO4 J . 13.74 11.69 19.11
O4 SO4 J . 13.56 13.99 18.48
C4 O1J K . -9.01 -1.85 -1.03
C5 O1J K . -9.52 -1.67 -2.32
C6 O1J K . -10.88 -1.87 -2.56
C7 O1J K . -11.70 -2.24 -1.52
C8 O1J K . -11.19 -2.42 -0.23
C O1J K . -8.26 -5.33 2.17
O O1J K . -7.88 -6.49 1.84
C1 O1J K . -9.57 -4.77 1.63
C2 O1J K . -9.23 -2.42 1.41
C3 O1J K . -9.84 -2.22 0.02
O1 O1J K . -7.55 -4.65 2.97
O2 O1J K . -9.84 -3.48 2.11
#